data_4H3S
#
_entry.id   4H3S
#
_cell.length_a   176.611
_cell.length_b   176.611
_cell.length_c   72.188
_cell.angle_alpha   90.00
_cell.angle_beta   90.00
_cell.angle_gamma   120.00
#
_symmetry.space_group_name_H-M   'P 31 2 1'
#
loop_
_entity.id
_entity.type
_entity.pdbx_description
1 polymer 'Glutamine-tRNA ligase'
2 non-polymer 'ZINC ION'
3 non-polymer GLYCEROL
4 non-polymer 'BROMIDE ION'
5 non-polymer 'CHLORIDE ION'
6 non-polymer 'ACETATE ION'
7 non-polymer 2,3-DIHYDROXY-1,4-DITHIOBUTANE
8 water water
#
_entity_poly.entity_id   1
_entity_poly.type   'polypeptide(L)'
_entity_poly.pdbx_seq_one_letter_code
;MSSVEELTQLFSQVGFEDKKVKEIVKNKKVSDSLYKLIKETPSDYQWNKSTRALVHNLASFVKGTDLPKSELIVNGIING
DLKTSLQVDAAFKYVKANGEASTKMGMNENSGVGIEITEDQVRNYVMQYIQENKERILTERYKLVPGIFADVKNLKELKW
ADPRSFKPIIDQEVLKLLGPKDERDLIKKKTKNNEKKKTNSAKKSSDNSASSGPKRTMFNEGFLGDLHKVGENPQAYPEL
MKEHLEVTGGKVRTRFPPEPNGYLHIGHSKAIMVNFGYAKYHNGTCYLRFDDTNPEKEAPEYFESIKRMVSWLGFKPWKI
TYSSDYFDELYRLAEVLIKNGKAYVCHCTAEEIKRGRGIKEDGTPGGERYACKHRDQSIEQNLQEFRDMRDGKYKPGEAI
LRMKQDLNSPSPQMWDLIAYRVLNAPHPRTGTKWRIYPTYDFTHCLVDSMENITHSLCTTEFYLSRESYEWLCDQVHVFR
PAQREYGRLNITGTVLSKRKIAQLVDEKFVRGWDDPRLFTLEAIRRRGVPPGAILSFINTLGVTTSTTNIQVVRFESAVR
KYLEDTTPRLMFVLDPVEVVVDNLSDDYEELATIPYRPGTPEFGERTVPFTNKFYIERSDFSENVDDKEFFRLTPNQPVG
LIKVSHTVSFKSLEKDEAGKIIRIHVNYDNKVEEGSKPKKPKTYIQWVPISSKYNSPLRVTETRVYNQLFKSENPSSHPE
GFLKDINPESEVVYKESVMEHNFGDVVKNSPWVVDSVKNSEFYVEEDKDSKEVCRFQAMRVGYFTLDKESTTSKVILNRI
VSLKDATSKSGLEALFQ
;
_entity_poly.pdbx_strand_id   A
#
# COMPACT_ATOMS: atom_id res chain seq x y z
N LYS A 215 -16.87 0.62 20.21
CA LYS A 215 -17.68 0.98 19.05
C LYS A 215 -17.06 2.12 18.26
N ARG A 216 -16.23 2.92 18.92
CA ARG A 216 -15.64 4.09 18.29
C ARG A 216 -14.53 3.70 17.31
N THR A 217 -14.62 4.25 16.11
CA THR A 217 -13.63 4.02 15.07
C THR A 217 -13.31 5.34 14.40
N MET A 218 -12.41 5.32 13.42
CA MET A 218 -12.02 6.53 12.70
C MET A 218 -13.22 7.21 12.02
N PHE A 219 -14.28 6.45 11.76
CA PHE A 219 -15.40 6.97 10.98
C PHE A 219 -16.40 7.79 11.79
N ASN A 220 -16.40 7.63 13.11
CA ASN A 220 -17.33 8.38 13.96
C ASN A 220 -16.62 9.25 15.00
N GLU A 221 -15.35 9.52 14.78
CA GLU A 221 -14.61 10.46 15.63
C GLU A 221 -13.52 11.13 14.81
N GLY A 222 -12.83 12.09 15.43
CA GLY A 222 -11.78 12.82 14.75
C GLY A 222 -12.28 13.58 13.55
N PHE A 223 -11.48 13.60 12.49
CA PHE A 223 -11.81 14.34 11.28
C PHE A 223 -13.13 13.87 10.65
N LEU A 224 -13.25 12.58 10.43
CA LEU A 224 -14.44 12.02 9.78
C LEU A 224 -15.68 12.20 10.65
N GLY A 225 -15.51 12.11 11.96
CA GLY A 225 -16.62 12.28 12.88
C GLY A 225 -17.13 13.71 12.90
N ASP A 226 -16.25 14.67 12.66
CA ASP A 226 -16.61 16.07 12.71
C ASP A 226 -17.16 16.58 11.38
N LEU A 227 -17.21 15.72 10.38
CA LEU A 227 -17.68 16.12 9.06
C LEU A 227 -19.16 16.49 9.08
N HIS A 228 -19.54 17.36 8.16
CA HIS A 228 -20.92 17.79 8.00
C HIS A 228 -21.81 16.65 7.55
N LYS A 229 -23.12 16.80 7.76
N LYS A 229 -23.11 16.81 7.74
CA LYS A 229 -24.10 15.85 7.25
CA LYS A 229 -24.09 15.85 7.25
C LYS A 229 -24.40 16.21 5.80
C LYS A 229 -24.46 16.21 5.82
N VAL A 230 -24.82 15.21 5.03
CA VAL A 230 -25.18 15.45 3.63
C VAL A 230 -26.24 16.55 3.53
N GLY A 231 -25.98 17.53 2.67
CA GLY A 231 -26.93 18.61 2.44
C GLY A 231 -26.79 19.78 3.39
N GLU A 232 -25.83 19.71 4.31
N GLU A 232 -25.82 19.69 4.29
CA GLU A 232 -25.68 20.77 5.30
CA GLU A 232 -25.62 20.69 5.33
C GLU A 232 -24.40 21.57 5.08
C GLU A 232 -24.59 21.74 4.90
N ASN A 233 -23.75 21.38 3.94
CA ASN A 233 -22.59 22.21 3.58
C ASN A 233 -22.99 23.48 2.82
N PRO A 234 -22.31 24.60 3.12
CA PRO A 234 -22.70 25.93 2.65
C PRO A 234 -22.68 26.10 1.14
N GLN A 235 -23.61 26.90 0.63
CA GLN A 235 -23.72 27.18 -0.79
C GLN A 235 -23.75 28.69 -1.05
N ALA A 236 -23.21 29.10 -2.20
CA ALA A 236 -23.28 30.49 -2.61
C ALA A 236 -24.68 30.80 -3.12
N TYR A 237 -25.30 29.81 -3.75
CA TYR A 237 -26.64 29.96 -4.30
C TYR A 237 -27.56 28.89 -3.70
N PRO A 238 -28.62 29.33 -3.02
CA PRO A 238 -29.47 28.46 -2.19
C PRO A 238 -30.19 27.36 -2.96
N GLU A 239 -30.56 27.63 -4.20
CA GLU A 239 -31.41 26.71 -4.95
C GLU A 239 -30.67 25.48 -5.48
N LEU A 240 -29.35 25.50 -5.43
CA LEU A 240 -28.55 24.41 -5.99
C LEU A 240 -28.57 23.15 -5.12
N MET A 241 -28.86 23.31 -3.84
CA MET A 241 -28.85 22.17 -2.93
C MET A 241 -29.99 21.20 -3.23
N LYS A 242 -31.08 21.72 -3.77
CA LYS A 242 -32.25 20.89 -4.06
C LYS A 242 -31.91 19.72 -4.97
N GLU A 243 -31.32 20.02 -6.13
CA GLU A 243 -30.98 18.97 -7.09
C GLU A 243 -29.93 18.04 -6.50
N HIS A 244 -28.98 18.60 -5.75
CA HIS A 244 -27.95 17.79 -5.11
C HIS A 244 -28.58 16.69 -4.28
N LEU A 245 -29.53 17.05 -3.43
CA LEU A 245 -30.18 16.10 -2.54
C LEU A 245 -31.03 15.09 -3.33
N GLU A 246 -31.65 15.55 -4.41
CA GLU A 246 -32.45 14.67 -5.25
C GLU A 246 -31.58 13.60 -5.90
N VAL A 247 -30.42 14.00 -6.42
CA VAL A 247 -29.53 13.07 -7.10
C VAL A 247 -28.85 12.11 -6.11
N THR A 248 -28.36 12.64 -5.00
CA THR A 248 -27.69 11.82 -4.00
C THR A 248 -28.67 11.01 -3.16
N GLY A 249 -29.93 11.44 -3.15
CA GLY A 249 -30.93 10.83 -2.31
C GLY A 249 -30.62 11.02 -0.84
N GLY A 250 -29.80 12.03 -0.55
CA GLY A 250 -29.40 12.33 0.82
C GLY A 250 -28.35 11.35 1.34
N LYS A 251 -27.75 10.59 0.45
CA LYS A 251 -26.73 9.62 0.82
C LYS A 251 -25.33 10.14 0.51
N VAL A 252 -24.36 9.71 1.31
CA VAL A 252 -22.97 10.13 1.14
C VAL A 252 -22.42 9.72 -0.23
N ARG A 253 -21.73 10.63 -0.87
CA ARG A 253 -20.99 10.34 -2.10
C ARG A 253 -19.58 10.87 -1.99
N THR A 254 -18.61 9.95 -1.97
CA THR A 254 -17.21 10.34 -1.95
C THR A 254 -16.56 9.87 -3.25
N ARG A 255 -15.26 10.17 -3.40
CA ARG A 255 -14.50 9.66 -4.53
C ARG A 255 -13.04 9.42 -4.14
N PHE A 256 -12.44 8.42 -4.79
CA PHE A 256 -11.00 8.23 -4.76
C PHE A 256 -10.49 8.57 -6.15
N PRO A 257 -9.77 9.70 -6.28
CA PRO A 257 -9.42 10.24 -7.60
C PRO A 257 -7.93 10.18 -7.94
N PRO A 258 -7.34 8.98 -8.00
CA PRO A 258 -5.90 8.90 -8.28
C PRO A 258 -5.54 9.19 -9.73
N GLU A 259 -4.37 9.77 -9.96
CA GLU A 259 -3.83 9.90 -11.30
C GLU A 259 -3.27 8.55 -11.73
N PRO A 260 -3.76 8.00 -12.86
CA PRO A 260 -3.29 6.68 -13.30
C PRO A 260 -1.95 6.74 -14.04
N ASN A 261 -0.96 7.36 -13.42
CA ASN A 261 0.35 7.51 -14.04
C ASN A 261 1.46 6.89 -13.19
N GLY A 262 1.08 5.96 -12.31
CA GLY A 262 2.04 5.29 -11.45
C GLY A 262 1.35 4.29 -10.54
N TYR A 263 2.14 3.45 -9.89
CA TYR A 263 1.60 2.50 -8.92
C TYR A 263 1.32 3.21 -7.60
N LEU A 264 0.27 2.76 -6.91
CA LEU A 264 -0.05 3.31 -5.59
C LEU A 264 0.91 2.77 -4.54
N HIS A 265 1.30 3.63 -3.62
CA HIS A 265 2.05 3.21 -2.44
C HIS A 265 1.25 3.27 -1.13
N ILE A 266 1.91 2.88 -0.03
CA ILE A 266 1.26 2.73 1.27
C ILE A 266 0.44 3.94 1.72
N GLY A 267 0.96 5.15 1.48
CA GLY A 267 0.21 6.36 1.72
C GLY A 267 -1.21 6.39 1.14
N HIS A 268 -1.40 5.79 -0.03
CA HIS A 268 -2.72 5.82 -0.66
C HIS A 268 -3.72 4.91 0.04
N SER A 269 -3.23 4.01 0.89
CA SER A 269 -4.13 3.13 1.63
C SER A 269 -5.04 3.96 2.53
N LYS A 270 -4.52 5.10 3.01
CA LYS A 270 -5.30 6.00 3.86
C LYS A 270 -6.39 6.70 3.04
N ALA A 271 -6.04 7.15 1.84
CA ALA A 271 -7.00 7.80 0.98
C ALA A 271 -8.11 6.82 0.59
N ILE A 272 -7.73 5.58 0.34
CA ILE A 272 -8.70 4.55 -0.04
C ILE A 272 -9.64 4.26 1.13
N MET A 273 -9.08 4.00 2.31
CA MET A 273 -9.89 3.68 3.47
C MET A 273 -10.77 4.85 3.87
N VAL A 274 -10.23 6.07 3.79
CA VAL A 274 -10.99 7.25 4.18
C VAL A 274 -12.21 7.45 3.28
N ASN A 275 -12.00 7.43 1.97
CA ASN A 275 -13.07 7.71 1.02
C ASN A 275 -14.07 6.57 0.86
N PHE A 276 -13.56 5.36 0.61
CA PHE A 276 -14.44 4.19 0.49
C PHE A 276 -15.05 3.83 1.84
N GLY A 277 -14.26 3.97 2.90
CA GLY A 277 -14.69 3.60 4.24
C GLY A 277 -15.78 4.50 4.79
N TYR A 278 -15.63 5.81 4.59
CA TYR A 278 -16.62 6.76 5.07
C TYR A 278 -17.95 6.55 4.37
N ALA A 279 -17.91 6.33 3.06
CA ALA A 279 -19.12 6.08 2.29
C ALA A 279 -19.80 4.83 2.80
N LYS A 280 -19.04 3.74 2.90
CA LYS A 280 -19.55 2.46 3.35
C LYS A 280 -20.18 2.58 4.74
N TYR A 281 -19.48 3.25 5.64
CA TYR A 281 -19.96 3.43 7.01
C TYR A 281 -21.34 4.09 7.04
N HIS A 282 -21.58 4.99 6.10
CA HIS A 282 -22.85 5.72 6.05
C HIS A 282 -23.81 5.16 5.02
N ASN A 283 -23.57 3.92 4.59
CA ASN A 283 -24.39 3.28 3.58
C ASN A 283 -24.55 4.16 2.35
N GLY A 284 -23.45 4.78 1.93
CA GLY A 284 -23.42 5.59 0.74
C GLY A 284 -22.53 4.96 -0.31
N THR A 285 -21.98 5.79 -1.19
CA THR A 285 -21.22 5.29 -2.33
C THR A 285 -19.94 6.08 -2.54
N CYS A 286 -18.96 5.45 -3.20
CA CYS A 286 -17.69 6.09 -3.51
C CYS A 286 -17.29 5.81 -4.95
N TYR A 287 -17.00 6.87 -5.69
N TYR A 287 -17.00 6.86 -5.71
CA TYR A 287 -16.50 6.77 -7.07
CA TYR A 287 -16.57 6.68 -7.08
C TYR A 287 -15.06 6.30 -7.07
C TYR A 287 -15.07 6.39 -7.15
N LEU A 288 -14.68 5.54 -8.09
CA LEU A 288 -13.28 5.38 -8.42
C LEU A 288 -13.07 6.22 -9.68
N ARG A 289 -12.44 7.37 -9.50
CA ARG A 289 -12.26 8.31 -10.60
C ARG A 289 -10.80 8.37 -11.01
N PHE A 290 -10.49 7.93 -12.22
CA PHE A 290 -9.15 8.08 -12.74
C PHE A 290 -8.96 9.53 -13.16
N ASP A 291 -8.08 10.24 -12.47
CA ASP A 291 -7.81 11.63 -12.80
C ASP A 291 -6.88 11.70 -13.99
N ASP A 292 -7.47 11.62 -15.18
CA ASP A 292 -6.70 11.62 -16.42
C ASP A 292 -6.79 12.97 -17.12
N THR A 293 -6.87 14.03 -16.31
CA THR A 293 -6.93 15.40 -16.81
C THR A 293 -5.82 15.69 -17.82
N ASN A 294 -4.59 15.30 -17.48
N ASN A 294 -4.60 15.30 -17.49
CA ASN A 294 -3.44 15.52 -18.34
CA ASN A 294 -3.46 15.56 -18.36
C ASN A 294 -3.27 14.41 -19.37
C ASN A 294 -3.25 14.42 -19.35
N PRO A 295 -3.00 14.75 -20.64
CA PRO A 295 -2.76 13.74 -21.67
C PRO A 295 -1.46 12.96 -21.39
N GLU A 296 -1.54 11.63 -21.47
CA GLU A 296 -0.40 10.78 -21.17
C GLU A 296 -0.36 9.63 -22.17
N LYS A 297 0.79 8.98 -22.27
CA LYS A 297 0.92 7.78 -23.08
C LYS A 297 0.05 6.68 -22.48
N GLU A 298 -0.39 5.74 -23.31
CA GLU A 298 -1.21 4.62 -22.85
C GLU A 298 -0.43 3.85 -21.79
N ALA A 299 -1.08 3.55 -20.67
CA ALA A 299 -0.45 2.80 -19.58
C ALA A 299 -1.49 2.02 -18.79
N PRO A 300 -2.10 1.00 -19.41
CA PRO A 300 -3.21 0.24 -18.83
C PRO A 300 -2.87 -0.37 -17.49
N GLU A 301 -1.62 -0.78 -17.32
CA GLU A 301 -1.19 -1.46 -16.11
C GLU A 301 -1.48 -0.65 -14.84
N TYR A 302 -1.40 0.67 -14.94
CA TYR A 302 -1.65 1.53 -13.77
C TYR A 302 -3.13 1.54 -13.40
N PHE A 303 -3.99 1.52 -14.42
CA PHE A 303 -5.42 1.52 -14.20
C PHE A 303 -5.85 0.22 -13.54
N GLU A 304 -5.38 -0.90 -14.07
N GLU A 304 -5.36 -0.89 -14.09
CA GLU A 304 -5.76 -2.21 -13.53
CA GLU A 304 -5.69 -2.23 -13.59
C GLU A 304 -5.19 -2.43 -12.13
C GLU A 304 -5.19 -2.42 -12.16
N SER A 305 -3.97 -1.97 -11.90
CA SER A 305 -3.36 -2.11 -10.57
C SER A 305 -4.19 -1.34 -9.54
N ILE A 306 -4.57 -0.12 -9.88
CA ILE A 306 -5.40 0.69 -8.99
C ILE A 306 -6.70 -0.04 -8.64
N LYS A 307 -7.35 -0.61 -9.65
CA LYS A 307 -8.58 -1.36 -9.43
C LYS A 307 -8.32 -2.55 -8.50
N ARG A 308 -7.22 -3.25 -8.72
CA ARG A 308 -6.86 -4.41 -7.90
C ARG A 308 -6.62 -4.01 -6.44
N MET A 309 -5.93 -2.89 -6.23
CA MET A 309 -5.59 -2.46 -4.89
C MET A 309 -6.82 -2.01 -4.11
N VAL A 310 -7.72 -1.28 -4.77
CA VAL A 310 -8.98 -0.91 -4.16
C VAL A 310 -9.74 -2.17 -3.73
N SER A 311 -9.78 -3.15 -4.63
CA SER A 311 -10.47 -4.40 -4.35
C SER A 311 -9.73 -5.21 -3.27
N TRP A 312 -8.41 -5.18 -3.31
CA TRP A 312 -7.60 -5.95 -2.37
C TRP A 312 -7.86 -5.48 -0.93
N LEU A 313 -8.09 -4.19 -0.76
CA LEU A 313 -8.35 -3.63 0.55
C LEU A 313 -9.82 -3.79 0.96
N GLY A 314 -10.61 -4.44 0.10
CA GLY A 314 -11.96 -4.84 0.45
C GLY A 314 -13.06 -3.85 0.07
N PHE A 315 -12.73 -2.88 -0.78
CA PHE A 315 -13.69 -1.84 -1.12
C PHE A 315 -14.21 -1.97 -2.54
N LYS A 316 -15.39 -1.40 -2.79
CA LYS A 316 -16.10 -1.56 -4.06
C LYS A 316 -16.58 -0.22 -4.59
N PRO A 317 -16.07 0.21 -5.75
CA PRO A 317 -16.60 1.44 -6.35
C PRO A 317 -17.99 1.25 -6.94
N TRP A 318 -18.91 2.16 -6.63
N TRP A 318 -18.88 2.18 -6.63
CA TRP A 318 -20.27 2.07 -7.18
CA TRP A 318 -20.26 2.18 -7.11
C TRP A 318 -20.26 2.42 -8.65
C TRP A 318 -20.28 2.47 -8.62
N LYS A 319 -19.23 3.15 -9.07
CA LYS A 319 -19.08 3.52 -10.47
C LYS A 319 -17.63 3.92 -10.71
N ILE A 320 -17.13 3.60 -11.90
CA ILE A 320 -15.77 3.98 -12.28
C ILE A 320 -15.84 5.06 -13.36
N THR A 321 -15.18 6.19 -13.11
CA THR A 321 -15.24 7.31 -14.04
C THR A 321 -13.84 7.85 -14.35
N TYR A 322 -13.78 8.75 -15.33
CA TYR A 322 -12.54 9.41 -15.72
C TYR A 322 -12.80 10.91 -15.78
N SER A 323 -11.83 11.70 -15.35
CA SER A 323 -11.96 13.15 -15.47
C SER A 323 -12.24 13.54 -16.92
N SER A 324 -11.65 12.79 -17.84
CA SER A 324 -11.79 13.06 -19.27
C SER A 324 -13.22 12.83 -19.76
N ASP A 325 -14.03 12.10 -18.99
CA ASP A 325 -15.43 11.89 -19.34
C ASP A 325 -16.18 13.22 -19.42
N TYR A 326 -15.62 14.26 -18.81
CA TYR A 326 -16.33 15.51 -18.63
C TYR A 326 -15.75 16.67 -19.44
N PHE A 327 -14.79 16.38 -20.31
CA PHE A 327 -14.15 17.42 -21.11
C PHE A 327 -15.16 18.32 -21.84
N ASP A 328 -16.22 17.75 -22.37
CA ASP A 328 -17.23 18.55 -23.08
C ASP A 328 -17.87 19.55 -22.12
N GLU A 329 -18.35 19.06 -20.99
N GLU A 329 -18.31 19.04 -20.97
CA GLU A 329 -19.00 19.93 -20.02
CA GLU A 329 -19.00 19.84 -19.97
C GLU A 329 -18.02 20.91 -19.40
C GLU A 329 -18.03 20.86 -19.37
N LEU A 330 -16.78 20.46 -19.21
CA LEU A 330 -15.76 21.32 -18.66
C LEU A 330 -15.50 22.48 -19.61
N TYR A 331 -15.42 22.19 -20.90
CA TYR A 331 -15.21 23.25 -21.88
C TYR A 331 -16.37 24.23 -21.86
N ARG A 332 -17.60 23.73 -21.76
CA ARG A 332 -18.78 24.59 -21.73
C ARG A 332 -18.70 25.54 -20.53
N LEU A 333 -18.35 25.00 -19.37
CA LEU A 333 -18.26 25.79 -18.16
C LEU A 333 -17.15 26.83 -18.28
N ALA A 334 -16.12 26.52 -19.04
CA ALA A 334 -15.05 27.48 -19.30
C ALA A 334 -15.62 28.68 -20.06
N GLU A 335 -16.48 28.41 -21.03
CA GLU A 335 -17.11 29.50 -21.77
C GLU A 335 -18.05 30.29 -20.85
N VAL A 336 -18.74 29.59 -19.96
CA VAL A 336 -19.57 30.26 -18.97
C VAL A 336 -18.72 31.19 -18.10
N LEU A 337 -17.58 30.67 -17.64
CA LEU A 337 -16.68 31.47 -16.82
C LEU A 337 -16.26 32.73 -17.58
N ILE A 338 -15.94 32.57 -18.86
CA ILE A 338 -15.55 33.71 -19.69
C ILE A 338 -16.71 34.69 -19.84
N LYS A 339 -17.89 34.16 -20.13
CA LYS A 339 -19.08 34.99 -20.34
C LYS A 339 -19.48 35.73 -19.07
N ASN A 340 -19.13 35.17 -17.92
CA ASN A 340 -19.41 35.83 -16.64
C ASN A 340 -18.32 36.82 -16.25
N GLY A 341 -17.37 37.05 -17.15
CA GLY A 341 -16.31 38.01 -16.93
C GLY A 341 -15.27 37.55 -15.92
N LYS A 342 -15.15 36.24 -15.75
CA LYS A 342 -14.27 35.69 -14.71
C LYS A 342 -13.15 34.82 -15.28
N ALA A 343 -12.86 34.99 -16.57
CA ALA A 343 -11.70 34.36 -17.18
C ALA A 343 -11.25 35.17 -18.39
N TYR A 344 -9.96 35.09 -18.72
CA TYR A 344 -9.43 35.77 -19.88
C TYR A 344 -8.36 34.93 -20.58
N VAL A 345 -8.16 35.19 -21.87
CA VAL A 345 -7.12 34.50 -22.61
C VAL A 345 -5.84 35.31 -22.54
N CYS A 346 -4.81 34.71 -21.97
CA CYS A 346 -3.54 35.37 -21.74
C CYS A 346 -2.48 34.81 -22.69
N HIS A 347 -1.57 35.67 -23.14
CA HIS A 347 -0.50 35.25 -24.05
C HIS A 347 0.87 35.54 -23.44
N CYS A 348 0.92 35.65 -22.13
CA CYS A 348 2.18 35.89 -21.43
C CYS A 348 3.03 34.63 -21.37
N THR A 349 4.35 34.80 -21.44
CA THR A 349 5.26 33.69 -21.28
C THR A 349 5.29 33.26 -19.82
N ALA A 350 5.89 32.10 -19.56
CA ALA A 350 5.99 31.60 -18.19
C ALA A 350 6.71 32.61 -17.29
N GLU A 351 7.71 33.28 -17.86
N GLU A 351 7.74 33.26 -17.83
CA GLU A 351 8.52 34.24 -17.13
CA GLU A 351 8.49 34.23 -17.04
C GLU A 351 7.70 35.49 -16.82
C GLU A 351 7.69 35.50 -16.80
N GLU A 352 6.93 35.94 -17.80
CA GLU A 352 6.10 37.13 -17.66
C GLU A 352 4.99 36.89 -16.63
N ILE A 353 4.49 35.66 -16.57
CA ILE A 353 3.47 35.30 -15.59
C ILE A 353 4.07 35.33 -14.19
N LYS A 354 5.26 34.77 -14.03
CA LYS A 354 5.95 34.79 -12.74
C LYS A 354 6.16 36.22 -12.27
N ARG A 355 6.58 37.09 -13.18
CA ARG A 355 6.85 38.49 -12.83
C ARG A 355 5.57 39.19 -12.37
N GLY A 356 4.46 38.88 -13.03
CA GLY A 356 3.18 39.45 -12.66
C GLY A 356 2.75 38.99 -11.28
N ARG A 357 3.24 37.83 -10.86
CA ARG A 357 2.94 37.29 -9.54
C ARG A 357 4.01 37.69 -8.53
N GLY A 358 4.86 38.64 -8.89
CA GLY A 358 5.87 39.16 -8.00
C GLY A 358 6.95 38.16 -7.66
N ILE A 359 7.31 37.32 -8.64
CA ILE A 359 8.31 36.28 -8.43
C ILE A 359 9.58 36.57 -9.22
N GLY A 363 15.39 34.16 -8.75
CA GLY A 363 13.98 33.97 -9.02
C GLY A 363 13.19 33.79 -7.74
N THR A 364 13.20 34.80 -6.89
CA THR A 364 12.55 34.72 -5.59
C THR A 364 11.28 35.56 -5.53
N PRO A 365 10.30 35.12 -4.70
CA PRO A 365 8.99 35.76 -4.52
C PRO A 365 9.03 37.04 -3.68
N GLY A 366 7.86 37.65 -3.49
CA GLY A 366 7.75 38.83 -2.65
C GLY A 366 7.61 40.13 -3.42
N GLY A 367 7.96 40.10 -4.70
CA GLY A 367 7.90 41.30 -5.53
C GLY A 367 6.50 41.82 -5.74
N GLU A 368 6.42 42.98 -6.39
N GLU A 368 6.38 42.99 -6.36
CA GLU A 368 5.15 43.62 -6.73
CA GLU A 368 5.07 43.58 -6.55
C GLU A 368 4.33 42.74 -7.65
C GLU A 368 4.30 42.87 -7.67
N ARG A 369 3.01 42.72 -7.45
CA ARG A 369 2.14 41.97 -8.34
C ARG A 369 1.26 42.91 -9.15
N TYR A 370 1.09 42.59 -10.43
CA TYR A 370 0.29 43.43 -11.32
C TYR A 370 -0.26 42.64 -12.49
N ALA A 371 -1.33 43.15 -13.10
CA ALA A 371 -2.00 42.48 -14.19
C ALA A 371 -1.31 42.74 -15.52
N CYS A 372 -1.41 41.79 -16.44
CA CYS A 372 -0.96 41.99 -17.80
C CYS A 372 -2.07 42.68 -18.58
N LYS A 373 -1.80 43.07 -19.82
CA LYS A 373 -2.80 43.75 -20.64
C LYS A 373 -3.95 42.81 -21.03
N HIS A 374 -3.70 41.52 -21.02
CA HIS A 374 -4.69 40.55 -21.44
C HIS A 374 -5.87 40.47 -20.48
N ARG A 375 -5.62 40.83 -19.22
CA ARG A 375 -6.62 40.72 -18.17
C ARG A 375 -7.84 41.63 -18.40
N ASP A 376 -7.61 42.75 -19.11
CA ASP A 376 -8.66 43.73 -19.35
C ASP A 376 -9.55 43.40 -20.54
N GLN A 377 -9.20 42.34 -21.27
CA GLN A 377 -9.89 42.02 -22.52
C GLN A 377 -11.39 41.82 -22.35
N SER A 378 -12.15 42.27 -23.35
CA SER A 378 -13.60 42.13 -23.34
C SER A 378 -13.99 40.67 -23.33
N ILE A 379 -15.23 40.41 -22.92
CA ILE A 379 -15.79 39.06 -22.98
C ILE A 379 -15.75 38.52 -24.40
N GLU A 380 -16.11 39.37 -25.35
CA GLU A 380 -16.16 38.98 -26.76
C GLU A 380 -14.80 38.50 -27.27
N GLN A 381 -13.75 39.27 -26.96
CA GLN A 381 -12.40 38.92 -27.39
C GLN A 381 -11.91 37.65 -26.73
N ASN A 382 -12.11 37.55 -25.42
CA ASN A 382 -11.73 36.35 -24.69
C ASN A 382 -12.41 35.10 -25.25
N LEU A 383 -13.71 35.21 -25.52
CA LEU A 383 -14.48 34.07 -26.01
C LEU A 383 -13.96 33.63 -27.38
N GLN A 384 -13.70 34.60 -28.26
CA GLN A 384 -13.20 34.30 -29.59
C GLN A 384 -11.81 33.66 -29.51
N GLU A 385 -10.95 34.21 -28.67
CA GLU A 385 -9.59 33.70 -28.55
C GLU A 385 -9.55 32.31 -27.95
N PHE A 386 -10.46 32.04 -27.02
CA PHE A 386 -10.55 30.72 -26.41
C PHE A 386 -11.01 29.67 -27.45
N ARG A 387 -11.93 30.09 -28.31
CA ARG A 387 -12.40 29.21 -29.37
C ARG A 387 -11.29 29.01 -30.41
N ASP A 388 -10.48 30.03 -30.63
CA ASP A 388 -9.32 29.90 -31.50
C ASP A 388 -8.30 28.94 -30.89
N MET A 389 -8.14 28.98 -29.57
CA MET A 389 -7.29 28.02 -28.88
C MET A 389 -7.78 26.61 -29.18
N ARG A 390 -9.08 26.42 -28.99
CA ARG A 390 -9.72 25.12 -29.23
C ARG A 390 -9.51 24.65 -30.66
N ASP A 391 -9.53 25.58 -31.61
CA ASP A 391 -9.50 25.23 -33.03
C ASP A 391 -8.09 25.19 -33.61
N GLY A 392 -7.08 25.37 -32.76
CA GLY A 392 -5.71 25.14 -33.17
C GLY A 392 -5.02 26.32 -33.84
N LYS A 393 -5.46 27.53 -33.51
N LYS A 393 -5.42 27.54 -33.50
CA LYS A 393 -4.85 28.75 -34.03
CA LYS A 393 -4.82 28.72 -34.08
C LYS A 393 -3.50 28.99 -33.35
C LYS A 393 -3.66 29.24 -33.23
N TYR A 394 -3.40 28.57 -32.11
CA TYR A 394 -2.23 28.86 -31.29
C TYR A 394 -1.37 27.63 -31.06
N LYS A 395 -0.06 27.83 -31.01
CA LYS A 395 0.86 26.76 -30.66
C LYS A 395 0.89 26.60 -29.15
N PRO A 396 1.31 25.42 -28.67
CA PRO A 396 1.39 25.21 -27.22
C PRO A 396 2.20 26.30 -26.53
N GLY A 397 1.66 26.88 -25.47
CA GLY A 397 2.36 27.92 -24.72
C GLY A 397 2.04 29.33 -25.19
N GLU A 398 1.53 29.47 -26.41
CA GLU A 398 1.26 30.79 -26.98
C GLU A 398 -0.04 31.39 -26.45
N ALA A 399 -0.86 30.58 -25.80
CA ALA A 399 -2.13 31.05 -25.29
C ALA A 399 -2.64 30.15 -24.18
N ILE A 400 -3.15 30.77 -23.13
CA ILE A 400 -3.75 30.05 -22.01
C ILE A 400 -5.01 30.77 -21.57
N LEU A 401 -5.96 30.02 -21.03
CA LEU A 401 -7.10 30.63 -20.37
C LEU A 401 -6.79 30.71 -18.89
N ARG A 402 -6.90 31.91 -18.33
CA ARG A 402 -6.65 32.11 -16.92
C ARG A 402 -7.92 32.56 -16.20
N MET A 403 -8.09 32.09 -14.97
CA MET A 403 -9.19 32.56 -14.14
C MET A 403 -8.91 34.01 -13.77
N LYS A 404 -9.93 34.83 -13.77
CA LYS A 404 -9.80 36.23 -13.39
C LYS A 404 -10.18 36.38 -11.93
N GLN A 405 -9.20 36.15 -11.06
CA GLN A 405 -9.43 36.13 -9.62
C GLN A 405 -8.99 37.44 -8.98
N ASP A 406 -7.92 37.40 -8.19
CA ASP A 406 -7.48 38.59 -7.48
C ASP A 406 -5.97 38.58 -7.23
N LEU A 407 -5.23 39.27 -8.10
CA LEU A 407 -3.78 39.34 -8.00
C LEU A 407 -3.31 40.10 -6.77
N ASN A 408 -4.22 40.84 -6.14
CA ASN A 408 -3.88 41.56 -4.93
C ASN A 408 -4.06 40.72 -3.66
N SER A 409 -4.68 39.55 -3.82
CA SER A 409 -4.83 38.63 -2.71
C SER A 409 -3.47 38.14 -2.23
N PRO A 410 -3.34 37.90 -0.91
CA PRO A 410 -2.11 37.33 -0.36
C PRO A 410 -1.94 35.85 -0.70
N SER A 411 -3.01 35.20 -1.16
CA SER A 411 -2.95 33.77 -1.49
C SER A 411 -2.54 33.53 -2.94
N PRO A 412 -1.47 32.74 -3.14
CA PRO A 412 -1.03 32.36 -4.50
C PRO A 412 -2.11 31.65 -5.31
N GLN A 413 -3.08 31.02 -4.63
CA GLN A 413 -4.12 30.28 -5.33
C GLN A 413 -5.21 31.21 -5.89
N MET A 414 -5.01 32.52 -5.75
CA MET A 414 -5.94 33.49 -6.32
C MET A 414 -5.25 34.37 -7.37
N TRP A 415 -4.03 34.00 -7.74
CA TRP A 415 -3.25 34.81 -8.69
C TRP A 415 -3.52 34.39 -10.13
N ASP A 416 -4.79 34.42 -10.52
CA ASP A 416 -5.21 34.11 -11.87
C ASP A 416 -4.69 32.77 -12.37
N LEU A 417 -5.16 31.70 -11.73
CA LEU A 417 -4.75 30.36 -12.06
C LEU A 417 -5.02 30.02 -13.52
N ILE A 418 -4.11 29.26 -14.12
CA ILE A 418 -4.31 28.77 -15.47
C ILE A 418 -5.40 27.70 -15.47
N ALA A 419 -6.37 27.86 -16.37
CA ALA A 419 -7.50 26.95 -16.45
C ALA A 419 -7.38 26.00 -17.65
N TYR A 420 -6.91 26.52 -18.77
CA TYR A 420 -6.72 25.72 -19.97
C TYR A 420 -5.40 26.02 -20.66
N ARG A 421 -4.78 24.99 -21.21
N ARG A 421 -4.76 24.98 -21.20
CA ARG A 421 -3.53 25.15 -21.96
CA ARG A 421 -3.53 25.10 -21.95
C ARG A 421 -3.65 24.46 -23.32
C ARG A 421 -3.69 24.49 -23.34
N VAL A 422 -2.87 24.93 -24.28
CA VAL A 422 -2.80 24.31 -25.60
C VAL A 422 -1.69 23.26 -25.55
N LEU A 423 -2.02 22.02 -25.86
CA LEU A 423 -1.03 20.93 -25.77
C LEU A 423 -0.78 20.21 -27.09
N ASN A 424 -1.80 20.13 -27.95
CA ASN A 424 -1.64 19.47 -29.23
C ASN A 424 -1.07 18.06 -29.04
N ALA A 425 -1.69 17.30 -28.15
CA ALA A 425 -1.30 15.93 -27.90
C ALA A 425 -2.56 15.09 -27.77
N PRO A 426 -2.52 13.84 -28.26
CA PRO A 426 -3.73 13.02 -28.20
C PRO A 426 -3.98 12.51 -26.79
N HIS A 427 -5.20 12.03 -26.54
CA HIS A 427 -5.57 11.55 -25.22
C HIS A 427 -6.08 10.11 -25.36
N PRO A 428 -5.67 9.21 -24.44
CA PRO A 428 -6.03 7.80 -24.55
C PRO A 428 -7.53 7.57 -24.67
N ARG A 429 -8.33 8.35 -23.94
CA ARG A 429 -9.79 8.23 -23.96
C ARG A 429 -10.48 9.03 -25.06
N THR A 430 -9.95 10.21 -25.39
CA THR A 430 -10.65 11.11 -26.31
C THR A 430 -9.91 11.31 -27.64
N GLY A 431 -8.85 10.53 -27.85
CA GLY A 431 -8.14 10.57 -29.12
C GLY A 431 -7.59 11.94 -29.47
N THR A 432 -7.80 12.34 -30.72
CA THR A 432 -7.24 13.58 -31.22
C THR A 432 -8.25 14.72 -31.19
N LYS A 433 -9.35 14.51 -30.47
CA LYS A 433 -10.43 15.49 -30.44
C LYS A 433 -9.99 16.83 -29.89
N TRP A 434 -9.18 16.81 -28.84
CA TRP A 434 -8.82 18.03 -28.12
C TRP A 434 -7.41 18.54 -28.40
N ARG A 435 -7.31 19.84 -28.65
CA ARG A 435 -6.02 20.53 -28.74
C ARG A 435 -5.76 21.26 -27.43
N ILE A 436 -6.80 21.42 -26.63
CA ILE A 436 -6.68 22.11 -25.36
C ILE A 436 -7.20 21.21 -24.24
N TYR A 437 -6.59 21.34 -23.06
CA TYR A 437 -6.98 20.55 -21.91
C TYR A 437 -7.04 21.43 -20.66
N PRO A 438 -7.96 21.10 -19.74
CA PRO A 438 -8.07 21.83 -18.49
C PRO A 438 -6.99 21.43 -17.50
N THR A 439 -6.77 22.26 -16.48
CA THR A 439 -5.81 21.96 -15.43
C THR A 439 -6.54 21.37 -14.23
N TYR A 440 -5.78 20.80 -13.30
CA TYR A 440 -6.35 20.28 -12.07
C TYR A 440 -7.15 21.34 -11.33
N ASP A 441 -6.66 22.57 -11.34
CA ASP A 441 -7.34 23.67 -10.66
C ASP A 441 -8.74 23.86 -11.23
N PHE A 442 -8.90 23.57 -12.51
CA PHE A 442 -10.18 23.73 -13.18
C PHE A 442 -11.07 22.49 -13.03
N THR A 443 -10.49 21.31 -13.19
CA THR A 443 -11.28 20.08 -13.27
C THR A 443 -11.75 19.55 -11.93
N HIS A 444 -10.94 19.67 -10.89
CA HIS A 444 -11.21 18.97 -9.64
C HIS A 444 -12.55 19.36 -8.98
N CYS A 445 -12.79 20.65 -8.81
CA CYS A 445 -14.03 21.08 -8.17
C CYS A 445 -15.25 20.89 -9.08
N LEU A 446 -15.06 21.11 -10.38
CA LEU A 446 -16.17 21.02 -11.32
C LEU A 446 -16.61 19.58 -11.56
N VAL A 447 -15.66 18.65 -11.59
CA VAL A 447 -16.02 17.24 -11.71
C VAL A 447 -16.67 16.76 -10.41
N ASP A 448 -16.11 17.16 -9.27
CA ASP A 448 -16.75 16.87 -7.98
C ASP A 448 -18.20 17.32 -8.02
N SER A 449 -18.42 18.51 -8.56
CA SER A 449 -19.77 19.08 -8.62
C SER A 449 -20.66 18.26 -9.53
N MET A 450 -20.18 17.96 -10.73
CA MET A 450 -20.95 17.18 -11.70
C MET A 450 -21.28 15.80 -11.15
N GLU A 451 -20.40 15.26 -10.33
CA GLU A 451 -20.62 13.93 -9.74
C GLU A 451 -21.37 14.01 -8.42
N ASN A 452 -21.77 15.22 -8.05
CA ASN A 452 -22.50 15.45 -6.80
C ASN A 452 -21.81 14.83 -5.59
N ILE A 453 -20.51 15.03 -5.49
CA ILE A 453 -19.76 14.60 -4.31
C ILE A 453 -20.28 15.37 -3.11
N THR A 454 -20.65 14.64 -2.07
CA THR A 454 -21.15 15.26 -0.85
C THR A 454 -19.98 15.59 0.07
N HIS A 455 -18.94 14.75 0.02
CA HIS A 455 -17.74 14.94 0.83
C HIS A 455 -16.50 14.73 -0.03
N SER A 456 -15.87 15.84 -0.43
CA SER A 456 -14.64 15.77 -1.22
C SER A 456 -13.45 15.80 -0.29
N LEU A 457 -12.86 14.63 -0.07
CA LEU A 457 -11.81 14.48 0.94
C LEU A 457 -10.42 14.38 0.32
N CYS A 458 -9.58 15.37 0.59
CA CYS A 458 -8.20 15.38 0.12
C CYS A 458 -7.27 15.65 1.30
N THR A 459 -5.97 15.72 1.04
CA THR A 459 -5.00 15.95 2.11
C THR A 459 -4.82 17.43 2.39
N THR A 460 -4.32 17.76 3.58
CA THR A 460 -4.07 19.13 3.98
C THR A 460 -3.01 19.78 3.11
N GLU A 461 -2.29 18.98 2.34
CA GLU A 461 -1.31 19.50 1.39
C GLU A 461 -1.99 20.49 0.43
N PHE A 462 -3.31 20.38 0.29
CA PHE A 462 -4.06 21.22 -0.63
C PHE A 462 -5.10 22.11 0.05
N TYR A 463 -4.91 22.41 1.33
N TYR A 463 -4.88 22.43 1.32
CA TYR A 463 -5.88 23.24 2.03
CA TYR A 463 -5.81 23.24 2.09
C TYR A 463 -5.98 24.62 1.41
C TYR A 463 -5.95 24.64 1.51
N LEU A 464 -4.84 25.17 0.98
CA LEU A 464 -4.82 26.50 0.40
C LEU A 464 -5.73 26.59 -0.83
N SER A 465 -5.86 25.48 -1.54
CA SER A 465 -6.60 25.48 -2.80
C SER A 465 -8.11 25.39 -2.58
N ARG A 466 -8.56 25.25 -1.33
CA ARG A 466 -9.99 25.20 -1.08
C ARG A 466 -10.65 26.54 -1.45
N GLU A 467 -9.90 27.63 -1.31
CA GLU A 467 -10.41 28.95 -1.64
C GLU A 467 -10.74 29.06 -3.13
N SER A 468 -9.80 28.62 -3.97
CA SER A 468 -9.99 28.69 -5.41
C SER A 468 -10.94 27.59 -5.89
N TYR A 469 -10.97 26.48 -5.16
CA TYR A 469 -11.90 25.39 -5.38
C TYR A 469 -13.34 25.90 -5.30
N GLU A 470 -13.64 26.62 -4.22
CA GLU A 470 -14.99 27.17 -4.02
C GLU A 470 -15.26 28.34 -4.95
N TRP A 471 -14.26 29.18 -5.16
CA TRP A 471 -14.38 30.33 -6.06
C TRP A 471 -14.89 29.91 -7.43
N LEU A 472 -14.22 28.93 -8.04
CA LEU A 472 -14.55 28.51 -9.39
C LEU A 472 -15.99 28.04 -9.50
N CYS A 473 -16.40 27.16 -8.58
CA CYS A 473 -17.79 26.71 -8.54
C CYS A 473 -18.76 27.89 -8.52
N ASP A 474 -18.48 28.86 -7.66
CA ASP A 474 -19.35 30.02 -7.51
C ASP A 474 -19.42 30.86 -8.80
N GLN A 475 -18.29 30.98 -9.49
CA GLN A 475 -18.23 31.84 -10.68
C GLN A 475 -18.99 31.28 -11.87
N VAL A 476 -19.19 29.97 -11.91
CA VAL A 476 -19.95 29.35 -13.00
C VAL A 476 -21.31 28.86 -12.51
N HIS A 477 -21.65 29.21 -11.27
CA HIS A 477 -22.97 28.95 -10.72
C HIS A 477 -23.32 27.47 -10.72
N VAL A 478 -22.43 26.63 -10.20
CA VAL A 478 -22.72 25.22 -10.04
C VAL A 478 -22.63 24.82 -8.57
N PHE A 479 -23.25 23.69 -8.23
CA PHE A 479 -23.20 23.17 -6.88
C PHE A 479 -21.78 23.22 -6.35
N ARG A 480 -21.61 23.78 -5.15
CA ARG A 480 -20.30 23.91 -4.55
C ARG A 480 -20.07 22.78 -3.55
N PRO A 481 -19.27 21.78 -3.94
CA PRO A 481 -19.05 20.65 -3.02
C PRO A 481 -18.22 21.05 -1.82
N ALA A 482 -18.23 20.23 -0.80
CA ALA A 482 -17.48 20.50 0.41
C ALA A 482 -16.13 19.77 0.38
N GLN A 483 -15.07 20.51 0.08
CA GLN A 483 -13.73 19.96 0.20
C GLN A 483 -13.27 20.12 1.65
N ARG A 484 -12.89 19.01 2.27
CA ARG A 484 -12.37 19.03 3.63
C ARG A 484 -11.08 18.23 3.65
N GLU A 485 -10.07 18.74 4.34
CA GLU A 485 -8.73 18.17 4.25
C GLU A 485 -8.30 17.45 5.53
N TYR A 486 -7.70 16.27 5.34
CA TYR A 486 -7.15 15.50 6.45
C TYR A 486 -5.65 15.35 6.25
N GLY A 487 -4.93 15.09 7.34
CA GLY A 487 -3.49 14.93 7.26
C GLY A 487 -3.13 13.61 6.62
N ARG A 488 -2.20 13.65 5.67
CA ARG A 488 -1.82 12.44 4.96
C ARG A 488 -0.91 11.56 5.79
N LEU A 489 -0.76 10.31 5.36
CA LEU A 489 0.16 9.38 5.98
C LEU A 489 1.52 9.48 5.31
N ASN A 490 2.54 9.82 6.10
CA ASN A 490 3.92 9.89 5.61
C ASN A 490 4.75 8.74 6.18
N ILE A 491 5.18 7.84 5.30
CA ILE A 491 6.04 6.75 5.73
C ILE A 491 7.51 7.10 5.51
N THR A 492 8.28 7.09 6.59
CA THR A 492 9.69 7.41 6.52
C THR A 492 10.53 6.14 6.60
N GLY A 493 11.75 6.19 6.08
CA GLY A 493 12.65 5.05 6.10
C GLY A 493 12.72 4.32 4.77
N THR A 494 12.05 4.87 3.76
CA THR A 494 12.10 4.29 2.42
C THR A 494 12.01 5.40 1.38
N VAL A 495 11.85 5.02 0.11
CA VAL A 495 11.64 6.00 -0.95
C VAL A 495 10.32 5.70 -1.66
N LEU A 496 9.53 6.75 -1.89
CA LEU A 496 8.18 6.58 -2.45
C LEU A 496 8.00 7.29 -3.79
N SER A 497 8.98 8.08 -4.21
CA SER A 497 8.88 8.81 -5.47
C SER A 497 9.03 7.83 -6.64
N LYS A 498 8.28 8.07 -7.70
CA LYS A 498 8.32 7.21 -8.88
C LYS A 498 9.73 7.18 -9.47
N ARG A 499 10.38 8.34 -9.50
N ARG A 499 10.40 8.33 -9.48
CA ARG A 499 11.72 8.47 -10.05
CA ARG A 499 11.72 8.44 -10.08
C ARG A 499 12.71 7.58 -9.32
C ARG A 499 12.75 7.60 -9.32
N LYS A 500 12.70 7.64 -7.99
CA LYS A 500 13.66 6.89 -7.19
C LYS A 500 13.40 5.39 -7.21
N ILE A 501 12.14 4.99 -7.08
CA ILE A 501 11.80 3.57 -7.18
C ILE A 501 12.14 3.04 -8.57
N ALA A 502 11.90 3.86 -9.59
CA ALA A 502 12.24 3.49 -10.96
C ALA A 502 13.72 3.16 -11.07
N GLN A 503 14.56 3.95 -10.38
N GLN A 503 14.56 3.92 -10.38
CA GLN A 503 15.99 3.72 -10.38
CA GLN A 503 16.00 3.68 -10.43
C GLN A 503 16.32 2.37 -9.74
C GLN A 503 16.35 2.38 -9.71
N LEU A 504 15.63 2.06 -8.65
CA LEU A 504 15.84 0.80 -7.94
C LEU A 504 15.50 -0.38 -8.83
N VAL A 505 14.38 -0.26 -9.55
CA VAL A 505 13.93 -1.32 -10.45
C VAL A 505 14.83 -1.43 -11.68
N ASP A 506 15.07 -0.28 -12.32
CA ASP A 506 15.85 -0.25 -13.55
C ASP A 506 17.28 -0.76 -13.34
N GLU A 507 17.88 -0.39 -12.21
CA GLU A 507 19.26 -0.80 -11.92
C GLU A 507 19.32 -2.12 -11.15
N LYS A 508 18.18 -2.78 -11.03
CA LYS A 508 18.13 -4.15 -10.51
C LYS A 508 18.42 -4.26 -9.02
N PHE A 509 18.25 -3.15 -8.28
CA PHE A 509 18.38 -3.21 -6.83
C PHE A 509 17.23 -4.02 -6.25
N VAL A 510 16.09 -3.98 -6.93
CA VAL A 510 14.95 -4.83 -6.58
C VAL A 510 14.50 -5.57 -7.85
N ARG A 511 13.64 -6.57 -7.64
N ARG A 511 13.64 -6.57 -7.67
CA ARG A 511 13.18 -7.45 -8.72
CA ARG A 511 13.26 -7.41 -8.81
C ARG A 511 12.14 -6.79 -9.61
C ARG A 511 12.05 -6.86 -9.59
N GLY A 512 11.45 -5.79 -9.09
CA GLY A 512 10.37 -5.15 -9.81
C GLY A 512 9.58 -4.20 -8.94
N TRP A 513 8.46 -3.70 -9.47
CA TRP A 513 7.65 -2.72 -8.75
C TRP A 513 6.81 -3.34 -7.63
N ASP A 514 6.75 -4.66 -7.61
CA ASP A 514 6.04 -5.36 -6.54
C ASP A 514 7.01 -6.13 -5.64
N ASP A 515 8.30 -5.80 -5.75
CA ASP A 515 9.30 -6.43 -4.90
C ASP A 515 8.96 -6.18 -3.44
N PRO A 516 8.92 -7.24 -2.62
CA PRO A 516 8.50 -7.17 -1.21
C PRO A 516 9.25 -6.12 -0.37
N ARG A 517 10.39 -5.64 -0.85
CA ARG A 517 11.15 -4.65 -0.09
C ARG A 517 10.66 -3.23 -0.32
N LEU A 518 9.81 -3.03 -1.32
CA LEU A 518 9.26 -1.72 -1.63
C LEU A 518 7.97 -1.49 -0.85
N PHE A 519 7.50 -0.24 -0.85
CA PHE A 519 6.25 0.09 -0.17
C PHE A 519 5.18 0.57 -1.14
N THR A 520 5.24 0.10 -2.36
CA THR A 520 4.09 0.17 -3.26
C THR A 520 3.06 -0.78 -2.67
N LEU A 521 1.79 -0.54 -2.94
CA LEU A 521 0.75 -1.43 -2.43
C LEU A 521 0.88 -2.83 -3.03
N GLU A 522 1.29 -2.91 -4.28
CA GLU A 522 1.50 -4.21 -4.93
C GLU A 522 2.62 -4.97 -4.22
N ALA A 523 3.68 -4.25 -3.85
CA ALA A 523 4.80 -4.85 -3.14
C ALA A 523 4.35 -5.37 -1.77
N ILE A 524 3.61 -4.54 -1.05
CA ILE A 524 3.12 -4.89 0.28
C ILE A 524 2.22 -6.12 0.22
N ARG A 525 1.43 -6.21 -0.85
CA ARG A 525 0.55 -7.36 -1.04
C ARG A 525 1.37 -8.63 -1.27
N ARG A 526 2.36 -8.54 -2.17
CA ARG A 526 3.18 -9.69 -2.52
C ARG A 526 4.04 -10.11 -1.33
N ARG A 527 4.41 -9.16 -0.50
N ARG A 527 4.42 -9.15 -0.51
CA ARG A 527 5.21 -9.42 0.68
CA ARG A 527 5.21 -9.42 0.69
C ARG A 527 4.46 -10.29 1.68
C ARG A 527 4.45 -10.37 1.61
N GLY A 528 3.13 -10.19 1.68
CA GLY A 528 2.30 -11.02 2.52
C GLY A 528 1.59 -10.25 3.64
N VAL A 529 1.73 -8.93 3.66
CA VAL A 529 1.04 -8.12 4.64
C VAL A 529 -0.47 -8.21 4.41
N PRO A 530 -1.21 -8.68 5.42
CA PRO A 530 -2.67 -8.79 5.26
C PRO A 530 -3.33 -7.43 5.06
N PRO A 531 -4.30 -7.35 4.13
CA PRO A 531 -4.99 -6.07 3.89
C PRO A 531 -5.67 -5.56 5.15
N GLY A 532 -6.21 -6.46 5.97
CA GLY A 532 -6.86 -6.09 7.21
C GLY A 532 -5.90 -5.46 8.21
N ALA A 533 -4.63 -5.85 8.14
CA ALA A 533 -3.62 -5.26 9.03
C ALA A 533 -3.43 -3.79 8.67
N ILE A 534 -3.43 -3.50 7.38
CA ILE A 534 -3.29 -2.13 6.90
C ILE A 534 -4.47 -1.28 7.37
N LEU A 535 -5.68 -1.80 7.17
CA LEU A 535 -6.90 -1.11 7.58
C LEU A 535 -6.92 -0.85 9.09
N SER A 536 -6.58 -1.86 9.87
CA SER A 536 -6.53 -1.73 11.33
C SER A 536 -5.50 -0.69 11.73
N PHE A 537 -4.34 -0.75 11.10
CA PHE A 537 -3.25 0.17 11.38
C PHE A 537 -3.69 1.63 11.16
N ILE A 538 -4.32 1.87 10.02
CA ILE A 538 -4.81 3.21 9.69
C ILE A 538 -5.83 3.69 10.72
N ASN A 539 -6.73 2.81 11.14
CA ASN A 539 -7.75 3.17 12.11
C ASN A 539 -7.14 3.49 13.46
N THR A 540 -6.18 2.68 13.88
CA THR A 540 -5.54 2.88 15.17
C THR A 540 -4.84 4.24 15.22
N LEU A 541 -4.15 4.59 14.15
CA LEU A 541 -3.48 5.89 14.04
C LEU A 541 -4.50 7.02 14.09
N GLY A 542 -5.70 6.76 13.59
CA GLY A 542 -6.76 7.74 13.58
C GLY A 542 -6.61 8.72 12.43
N VAL A 543 -7.65 9.50 12.19
CA VAL A 543 -7.62 10.49 11.12
C VAL A 543 -8.01 11.85 11.66
N THR A 544 -7.10 12.81 11.52
CA THR A 544 -7.34 14.19 11.92
C THR A 544 -6.74 15.09 10.87
N THR A 545 -6.77 16.40 11.12
CA THR A 545 -6.15 17.36 10.22
C THR A 545 -4.63 17.30 10.29
N SER A 546 -4.11 16.54 11.26
CA SER A 546 -2.67 16.38 11.40
C SER A 546 -2.18 15.18 10.61
N THR A 547 -0.99 15.30 10.03
CA THR A 547 -0.39 14.21 9.29
C THR A 547 0.05 13.12 10.26
N THR A 548 0.04 11.87 9.80
CA THR A 548 0.60 10.78 10.58
C THR A 548 1.95 10.40 9.97
N ASN A 549 3.00 10.55 10.76
CA ASN A 549 4.37 10.35 10.29
C ASN A 549 4.95 9.08 10.92
N ILE A 550 5.06 8.04 10.09
CA ILE A 550 5.28 6.69 10.57
C ILE A 550 6.56 6.07 10.03
N GLN A 551 7.38 5.53 10.92
CA GLN A 551 8.59 4.85 10.52
C GLN A 551 8.26 3.47 9.99
N VAL A 552 9.03 3.02 9.01
CA VAL A 552 8.89 1.68 8.48
C VAL A 552 8.90 0.64 9.60
N VAL A 553 9.80 0.83 10.57
CA VAL A 553 9.90 -0.08 11.71
C VAL A 553 8.58 -0.16 12.46
N ARG A 554 7.91 0.97 12.61
CA ARG A 554 6.64 1.01 13.32
C ARG A 554 5.55 0.26 12.56
N PHE A 555 5.50 0.46 11.25
CA PHE A 555 4.54 -0.26 10.42
C PHE A 555 4.78 -1.75 10.51
N GLU A 556 6.04 -2.16 10.42
N GLU A 556 6.04 -2.14 10.41
CA GLU A 556 6.38 -3.58 10.45
CA GLU A 556 6.44 -3.55 10.45
C GLU A 556 6.07 -4.20 11.80
C GLU A 556 6.07 -4.18 11.79
N SER A 557 6.19 -3.42 12.88
N SER A 557 6.17 -3.40 12.86
CA SER A 557 5.82 -3.91 14.19
CA SER A 557 5.83 -3.87 14.19
C SER A 557 4.32 -4.18 14.27
C SER A 557 4.33 -4.15 14.30
N ALA A 558 3.53 -3.29 13.67
CA ALA A 558 2.08 -3.44 13.68
C ALA A 558 1.67 -4.69 12.91
N VAL A 559 2.33 -4.94 11.78
CA VAL A 559 2.06 -6.12 10.98
C VAL A 559 2.40 -7.38 11.77
N ARG A 560 3.54 -7.34 12.43
CA ARG A 560 4.01 -8.46 13.24
C ARG A 560 2.99 -8.86 14.31
N LYS A 561 2.45 -7.87 15.01
CA LYS A 561 1.48 -8.12 16.06
C LYS A 561 0.18 -8.69 15.49
N TYR A 562 -0.22 -8.15 14.35
CA TYR A 562 -1.43 -8.64 13.66
C TYR A 562 -1.26 -10.10 13.30
N LEU A 563 -0.12 -10.45 12.72
CA LEU A 563 0.16 -11.84 12.35
C LEU A 563 0.22 -12.74 13.58
N GLU A 564 0.78 -12.22 14.65
N GLU A 564 0.74 -12.26 14.69
CA GLU A 564 0.83 -12.89 15.95
CA GLU A 564 0.83 -13.11 15.88
C GLU A 564 -0.54 -13.44 16.32
C GLU A 564 -0.56 -13.46 16.38
N ASP A 565 -1.56 -12.65 16.05
CA ASP A 565 -2.92 -12.90 16.51
C ASP A 565 -3.78 -13.79 15.61
N THR A 566 -3.40 -13.99 14.35
N THR A 566 -3.33 -14.00 14.38
CA THR A 566 -4.31 -14.69 13.44
CA THR A 566 -4.20 -14.49 13.31
C THR A 566 -3.65 -15.65 12.45
C THR A 566 -3.68 -15.70 12.54
N THR A 567 -2.42 -16.06 12.71
CA THR A 567 -1.79 -17.07 11.85
C THR A 567 -1.68 -18.45 12.47
N PRO A 568 -1.82 -19.50 11.66
CA PRO A 568 -1.50 -20.86 12.10
C PRO A 568 0.00 -21.00 12.27
N ARG A 569 0.42 -21.92 13.13
CA ARG A 569 1.83 -22.04 13.47
C ARG A 569 2.38 -23.40 13.06
N LEU A 570 3.41 -23.37 12.22
CA LEU A 570 3.98 -24.59 11.66
C LEU A 570 5.43 -24.76 12.05
N MET A 571 5.92 -25.99 11.92
CA MET A 571 7.32 -26.27 12.10
C MET A 571 8.01 -26.27 10.74
N PHE A 572 9.02 -25.41 10.63
CA PHE A 572 9.68 -25.14 9.36
C PHE A 572 11.17 -24.93 9.64
N VAL A 573 12.02 -25.50 8.80
CA VAL A 573 13.46 -25.41 8.99
C VAL A 573 14.13 -24.81 7.75
N LEU A 574 14.69 -23.61 7.91
CA LEU A 574 15.34 -22.89 6.83
C LEU A 574 16.55 -23.61 6.30
N ASP A 575 17.45 -23.98 7.21
CA ASP A 575 18.72 -24.58 6.86
C ASP A 575 18.85 -25.91 7.59
N PRO A 576 18.24 -26.96 7.04
CA PRO A 576 18.11 -28.26 7.71
C PRO A 576 19.40 -29.07 7.82
N VAL A 577 19.55 -29.72 8.96
CA VAL A 577 20.58 -30.72 9.17
C VAL A 577 19.87 -32.01 9.56
N GLU A 578 20.21 -33.10 8.89
CA GLU A 578 19.58 -34.39 9.15
C GLU A 578 20.01 -34.94 10.51
N VAL A 579 19.03 -35.40 11.29
CA VAL A 579 19.29 -36.02 12.57
C VAL A 579 18.81 -37.48 12.55
N VAL A 580 19.66 -38.37 13.04
CA VAL A 580 19.33 -39.79 13.11
C VAL A 580 19.28 -40.24 14.57
N VAL A 581 18.20 -40.91 14.95
CA VAL A 581 18.05 -41.40 16.32
C VAL A 581 18.47 -42.86 16.40
N ASP A 582 19.63 -43.10 17.00
CA ASP A 582 20.25 -44.42 16.99
C ASP A 582 19.50 -45.48 17.78
N ASN A 583 18.77 -45.07 18.81
CA ASN A 583 18.09 -46.04 19.68
C ASN A 583 16.59 -46.17 19.42
N LEU A 584 16.13 -45.72 18.25
CA LEU A 584 14.74 -45.90 17.85
C LEU A 584 14.64 -46.73 16.56
N SER A 585 13.72 -47.68 16.56
CA SER A 585 13.50 -48.54 15.40
C SER A 585 12.85 -47.76 14.26
N ASP A 586 12.88 -48.34 13.05
CA ASP A 586 12.29 -47.71 11.88
C ASP A 586 10.77 -47.67 11.94
N ASP A 587 10.18 -48.55 12.75
CA ASP A 587 8.73 -48.62 12.86
C ASP A 587 8.22 -47.79 14.04
N TYR A 588 9.14 -47.15 14.75
CA TYR A 588 8.74 -46.27 15.85
C TYR A 588 8.06 -45.03 15.29
N GLU A 589 6.93 -44.68 15.87
CA GLU A 589 6.18 -43.51 15.43
C GLU A 589 5.42 -42.93 16.61
N GLU A 590 5.89 -41.77 17.09
CA GLU A 590 5.24 -41.07 18.17
C GLU A 590 4.46 -39.89 17.61
N LEU A 591 3.15 -40.05 17.50
CA LEU A 591 2.30 -39.04 16.90
C LEU A 591 2.11 -37.85 17.83
N ALA A 592 2.67 -36.72 17.44
CA ALA A 592 2.53 -35.49 18.22
C ALA A 592 1.41 -34.65 17.64
N THR A 593 0.32 -34.52 18.38
CA THR A 593 -0.79 -33.68 17.96
C THR A 593 -0.59 -32.27 18.49
N ILE A 594 -0.67 -31.30 17.60
CA ILE A 594 -0.32 -29.92 17.91
C ILE A 594 -1.40 -28.98 17.42
N PRO A 595 -1.95 -28.14 18.31
CA PRO A 595 -2.92 -27.13 17.87
C PRO A 595 -2.30 -26.20 16.84
N TYR A 596 -3.07 -25.79 15.84
CA TYR A 596 -2.55 -24.87 14.84
C TYR A 596 -2.19 -23.53 15.45
N ARG A 597 -2.89 -23.17 16.53
CA ARG A 597 -2.56 -21.97 17.28
C ARG A 597 -3.11 -22.06 18.69
N PRO A 598 -2.23 -22.09 19.70
CA PRO A 598 -2.68 -22.16 21.09
C PRO A 598 -3.75 -21.12 21.40
N GLY A 599 -4.79 -21.53 22.12
CA GLY A 599 -5.85 -20.61 22.51
C GLY A 599 -6.79 -20.22 21.38
N THR A 600 -6.72 -20.97 20.28
CA THR A 600 -7.57 -20.69 19.12
C THR A 600 -8.24 -21.97 18.63
N PRO A 601 -9.31 -22.40 19.32
CA PRO A 601 -9.96 -23.67 19.03
C PRO A 601 -10.52 -23.75 17.61
N GLU A 602 -10.87 -22.61 17.02
CA GLU A 602 -11.46 -22.59 15.69
C GLU A 602 -10.44 -22.92 14.59
N PHE A 603 -9.16 -22.98 14.96
CA PHE A 603 -8.11 -23.35 14.02
C PHE A 603 -7.81 -24.84 14.06
N GLY A 604 -8.35 -25.54 15.05
CA GLY A 604 -8.19 -26.97 15.15
C GLY A 604 -6.77 -27.40 15.43
N GLU A 605 -6.43 -28.62 15.01
CA GLU A 605 -5.14 -29.23 15.32
C GLU A 605 -4.68 -30.10 14.17
N ARG A 606 -3.41 -30.48 14.21
CA ARG A 606 -2.87 -31.44 13.26
C ARG A 606 -1.88 -32.35 13.97
N THR A 607 -1.42 -33.37 13.27
CA THR A 607 -0.51 -34.34 13.85
C THR A 607 0.79 -34.40 13.08
N VAL A 608 1.89 -34.60 13.80
CA VAL A 608 3.21 -34.73 13.19
C VAL A 608 3.88 -35.96 13.78
N PRO A 609 4.34 -36.89 12.91
CA PRO A 609 4.93 -38.14 13.40
C PRO A 609 6.39 -37.99 13.81
N PHE A 610 6.70 -38.27 15.06
CA PHE A 610 8.09 -38.30 15.48
C PHE A 610 8.68 -39.67 15.21
N THR A 611 9.68 -39.72 14.32
CA THR A 611 10.31 -40.95 13.91
C THR A 611 11.79 -40.90 14.27
N ASN A 612 12.54 -41.92 13.83
CA ASN A 612 13.97 -41.97 14.13
C ASN A 612 14.84 -41.19 13.14
N LYS A 613 14.20 -40.37 12.31
CA LYS A 613 14.92 -39.45 11.42
C LYS A 613 14.14 -38.16 11.27
N PHE A 614 14.82 -37.03 11.41
CA PHE A 614 14.19 -35.73 11.24
C PHE A 614 15.22 -34.65 10.95
N TYR A 615 14.73 -33.44 10.67
CA TYR A 615 15.59 -32.30 10.40
C TYR A 615 15.44 -31.26 11.50
N ILE A 616 16.54 -30.61 11.86
CA ILE A 616 16.52 -29.44 12.73
C ILE A 616 17.32 -28.33 12.07
N GLU A 617 17.18 -27.11 12.58
CA GLU A 617 17.97 -26.00 12.10
C GLU A 617 19.44 -26.22 12.43
N ARG A 618 20.31 -25.95 11.46
CA ARG A 618 21.74 -26.00 11.70
C ARG A 618 22.10 -25.09 12.88
N SER A 619 21.37 -24.00 13.04
CA SER A 619 21.64 -23.03 14.09
C SER A 619 21.19 -23.52 15.47
N ASP A 620 20.51 -24.66 15.51
CA ASP A 620 20.07 -25.24 16.77
C ASP A 620 21.02 -26.33 17.27
N PHE A 621 22.17 -26.47 16.60
CA PHE A 621 23.25 -27.29 17.13
C PHE A 621 24.54 -26.49 17.19
N SER A 622 25.29 -26.67 18.27
CA SER A 622 26.59 -26.05 18.41
C SER A 622 27.58 -26.99 19.07
N GLU A 623 28.82 -26.95 18.60
CA GLU A 623 29.89 -27.73 19.21
C GLU A 623 30.49 -27.00 20.41
N ASN A 624 30.19 -25.70 20.52
CA ASN A 624 30.75 -24.88 21.60
C ASN A 624 30.02 -25.09 22.93
N VAL A 625 30.57 -25.97 23.75
CA VAL A 625 29.94 -26.34 25.01
C VAL A 625 30.14 -25.29 26.11
N ASP A 626 30.98 -24.30 25.84
CA ASP A 626 31.25 -23.25 26.83
C ASP A 626 30.37 -22.01 26.65
N ASP A 627 29.50 -22.05 25.64
CA ASP A 627 28.63 -20.92 25.35
C ASP A 627 27.39 -20.95 26.24
N LYS A 628 27.42 -20.18 27.33
CA LYS A 628 26.33 -20.18 28.30
C LYS A 628 25.05 -19.53 27.76
N GLU A 629 25.16 -18.84 26.63
CA GLU A 629 23.99 -18.21 26.01
C GLU A 629 23.26 -19.16 25.06
N PHE A 630 23.89 -20.28 24.73
CA PHE A 630 23.31 -21.23 23.79
C PHE A 630 22.53 -22.32 24.53
N PHE A 631 21.22 -22.36 24.29
CA PHE A 631 20.32 -23.23 25.05
C PHE A 631 19.80 -24.42 24.23
N ARG A 632 20.33 -24.62 23.02
CA ARG A 632 19.87 -25.71 22.17
C ARG A 632 20.81 -26.91 22.25
N LEU A 633 20.96 -27.66 21.16
CA LEU A 633 21.69 -28.93 21.21
C LEU A 633 23.21 -28.75 21.12
N THR A 634 23.91 -29.34 22.09
CA THR A 634 25.37 -29.44 22.02
C THR A 634 25.77 -30.82 22.52
N PRO A 635 27.04 -31.21 22.31
CA PRO A 635 27.52 -32.50 22.80
C PRO A 635 27.38 -32.66 24.31
N ASN A 636 27.24 -31.54 25.02
CA ASN A 636 27.14 -31.58 26.47
C ASN A 636 25.77 -31.14 26.97
N GLN A 637 24.82 -30.99 26.06
CA GLN A 637 23.53 -30.39 26.40
C GLN A 637 22.39 -30.88 25.53
N PRO A 638 21.53 -31.75 26.08
CA PRO A 638 20.35 -32.26 25.37
C PRO A 638 19.37 -31.15 25.01
N VAL A 639 18.51 -31.40 24.03
CA VAL A 639 17.53 -30.41 23.63
C VAL A 639 16.15 -31.03 23.58
N GLY A 640 15.12 -30.23 23.85
CA GLY A 640 13.76 -30.68 23.73
C GLY A 640 13.24 -30.48 22.32
N LEU A 641 12.27 -31.28 21.93
CA LEU A 641 11.61 -31.13 20.64
C LEU A 641 10.15 -30.82 20.87
N ILE A 642 9.63 -29.84 20.15
CA ILE A 642 8.26 -29.37 20.34
C ILE A 642 7.24 -30.53 20.30
N LYS A 643 6.46 -30.62 21.38
CA LYS A 643 5.42 -31.64 21.54
C LYS A 643 5.92 -33.09 21.49
N VAL A 644 7.21 -33.29 21.68
CA VAL A 644 7.78 -34.63 21.76
C VAL A 644 8.06 -34.94 23.24
N SER A 645 7.78 -36.18 23.64
CA SER A 645 7.79 -36.56 25.06
C SER A 645 9.16 -36.38 25.74
N HIS A 646 10.22 -36.81 25.07
CA HIS A 646 11.54 -36.80 25.68
C HIS A 646 12.53 -35.93 24.90
N THR A 647 13.66 -35.64 25.53
CA THR A 647 14.71 -34.88 24.89
C THR A 647 15.55 -35.81 24.01
N VAL A 648 16.39 -35.21 23.16
CA VAL A 648 17.38 -35.97 22.42
C VAL A 648 18.76 -35.52 22.86
N SER A 649 19.70 -36.45 22.93
CA SER A 649 21.06 -36.14 23.37
C SER A 649 22.08 -36.53 22.30
N PHE A 650 23.14 -35.73 22.21
CA PHE A 650 24.16 -35.88 21.17
C PHE A 650 24.95 -37.18 21.32
N LYS A 651 25.23 -37.81 20.19
CA LYS A 651 26.09 -39.00 20.15
C LYS A 651 27.33 -38.73 19.32
N SER A 652 27.12 -38.24 18.09
CA SER A 652 28.21 -37.98 17.17
C SER A 652 27.70 -37.15 16.00
N LEU A 653 28.63 -36.61 15.22
CA LEU A 653 28.27 -35.87 14.02
C LEU A 653 29.17 -36.29 12.87
N GLU A 654 28.75 -35.96 11.66
CA GLU A 654 29.52 -36.25 10.47
C GLU A 654 29.64 -34.99 9.64
N LYS A 655 30.84 -34.70 9.16
CA LYS A 655 31.06 -33.53 8.34
C LYS A 655 31.57 -33.97 6.97
N ASP A 656 31.39 -33.12 5.97
CA ASP A 656 32.00 -33.34 4.66
C ASP A 656 33.42 -32.81 4.69
N GLU A 657 34.11 -32.88 3.55
CA GLU A 657 35.50 -32.42 3.48
C GLU A 657 35.61 -30.94 3.86
N ALA A 658 34.57 -30.17 3.58
CA ALA A 658 34.59 -28.73 3.83
C ALA A 658 34.29 -28.40 5.30
N GLY A 659 34.06 -29.42 6.11
CA GLY A 659 33.79 -29.22 7.53
C GLY A 659 32.34 -28.90 7.83
N LYS A 660 31.49 -28.97 6.81
CA LYS A 660 30.07 -28.75 7.01
C LYS A 660 29.41 -29.99 7.61
N ILE A 661 28.62 -29.79 8.66
CA ILE A 661 27.90 -30.89 9.29
C ILE A 661 26.77 -31.37 8.37
N ILE A 662 26.77 -32.66 8.07
CA ILE A 662 25.76 -33.23 7.18
C ILE A 662 24.84 -34.21 7.90
N ARG A 663 25.24 -34.65 9.09
CA ARG A 663 24.41 -35.55 9.88
C ARG A 663 24.79 -35.56 11.35
N ILE A 664 23.78 -35.59 12.20
CA ILE A 664 23.97 -35.69 13.63
C ILE A 664 23.26 -36.94 14.15
N HIS A 665 23.98 -37.74 14.92
CA HIS A 665 23.39 -38.89 15.59
C HIS A 665 23.04 -38.52 17.02
N VAL A 666 21.83 -38.91 17.45
CA VAL A 666 21.39 -38.63 18.81
C VAL A 666 20.72 -39.85 19.42
N ASN A 667 20.53 -39.80 20.73
CA ASN A 667 19.71 -40.78 21.44
C ASN A 667 18.42 -40.11 21.89
N TYR A 668 17.34 -40.85 21.82
CA TYR A 668 16.08 -40.41 22.40
C TYR A 668 16.12 -40.79 23.89
N ASP A 669 16.02 -39.79 24.75
CA ASP A 669 16.23 -39.99 26.18
C ASP A 669 14.96 -40.52 26.84
N ASN A 670 14.62 -41.76 26.52
CA ASN A 670 13.41 -42.40 27.03
C ASN A 670 13.74 -43.39 28.14
N LYS A 671 14.88 -43.22 28.78
CA LYS A 671 15.35 -44.14 29.81
C LYS A 671 15.59 -45.53 29.21
N LYS A 679 17.06 -31.07 34.88
CA LYS A 679 17.06 -32.14 33.88
C LYS A 679 16.14 -31.78 32.71
N LYS A 680 15.22 -30.86 32.96
CA LYS A 680 14.38 -30.33 31.88
C LYS A 680 15.25 -29.56 30.89
N PRO A 681 14.99 -29.72 29.59
CA PRO A 681 15.81 -29.02 28.60
C PRO A 681 15.66 -27.52 28.71
N LYS A 682 16.65 -26.78 28.21
CA LYS A 682 16.62 -25.32 28.29
C LYS A 682 15.68 -24.73 27.25
N THR A 683 15.43 -25.45 26.16
CA THR A 683 14.47 -25.00 25.16
C THR A 683 13.97 -26.15 24.28
N TYR A 684 12.84 -25.90 23.61
CA TYR A 684 12.24 -26.86 22.71
C TYR A 684 12.28 -26.31 21.30
N ILE A 685 12.90 -27.05 20.38
CA ILE A 685 13.09 -26.58 19.01
C ILE A 685 12.14 -27.27 18.04
N GLN A 686 11.91 -26.62 16.90
CA GLN A 686 11.08 -27.21 15.86
C GLN A 686 11.84 -28.33 15.16
N TRP A 687 11.09 -29.21 14.50
CA TRP A 687 11.67 -30.35 13.82
C TRP A 687 10.75 -30.79 12.70
N VAL A 688 11.32 -31.33 11.63
CA VAL A 688 10.52 -31.87 10.53
C VAL A 688 10.95 -33.31 10.29
N PRO A 689 10.03 -34.26 10.49
CA PRO A 689 10.38 -35.68 10.40
C PRO A 689 10.53 -36.16 8.97
N ILE A 690 11.32 -37.20 8.78
CA ILE A 690 11.33 -37.95 7.55
C ILE A 690 10.37 -39.11 7.76
N SER A 691 9.29 -39.11 6.98
CA SER A 691 8.23 -40.09 7.11
C SER A 691 7.52 -40.24 5.78
N SER A 692 7.83 -41.32 5.06
CA SER A 692 7.20 -41.55 3.76
C SER A 692 5.70 -41.74 3.94
N LYS A 693 5.31 -42.32 5.08
CA LYS A 693 3.90 -42.58 5.35
C LYS A 693 3.07 -41.29 5.27
N TYR A 694 3.66 -40.19 5.75
CA TYR A 694 2.95 -38.92 5.79
C TYR A 694 3.55 -37.88 4.82
N ASN A 695 4.30 -38.38 3.86
N ASN A 695 4.33 -38.35 3.85
CA ASN A 695 4.97 -37.56 2.86
CA ASN A 695 4.88 -37.46 2.84
C ASN A 695 5.68 -36.36 3.48
C ASN A 695 5.71 -36.32 3.47
N SER A 696 6.46 -36.64 4.52
CA SER A 696 7.25 -35.64 5.21
C SER A 696 8.73 -35.93 4.94
N PRO A 697 9.52 -34.90 4.64
CA PRO A 697 9.21 -33.47 4.63
C PRO A 697 8.57 -32.97 3.35
N LEU A 698 7.88 -31.84 3.45
CA LEU A 698 7.53 -31.05 2.28
C LEU A 698 8.74 -30.17 1.99
N ARG A 699 9.28 -30.29 0.79
CA ARG A 699 10.50 -29.60 0.44
C ARG A 699 10.21 -28.26 -0.23
N VAL A 700 10.82 -27.20 0.31
CA VAL A 700 10.63 -25.87 -0.21
C VAL A 700 11.82 -25.50 -1.09
N THR A 701 11.54 -25.14 -2.33
CA THR A 701 12.59 -24.85 -3.29
C THR A 701 13.35 -23.57 -2.92
N GLU A 702 12.60 -22.53 -2.58
CA GLU A 702 13.19 -21.23 -2.34
C GLU A 702 12.45 -20.48 -1.25
N THR A 703 13.20 -19.96 -0.28
CA THR A 703 12.64 -19.11 0.77
C THR A 703 13.37 -17.78 0.78
N ARG A 704 12.62 -16.71 0.58
CA ARG A 704 13.21 -15.38 0.46
C ARG A 704 13.01 -14.57 1.74
N VAL A 705 14.09 -14.41 2.49
CA VAL A 705 14.06 -13.70 3.76
C VAL A 705 14.40 -12.23 3.53
N TYR A 706 13.46 -11.35 3.86
CA TYR A 706 13.60 -9.94 3.58
C TYR A 706 13.95 -9.12 4.80
N ASN A 707 14.98 -8.30 4.67
CA ASN A 707 15.35 -7.34 5.70
C ASN A 707 15.17 -5.93 5.16
N GLN A 708 15.53 -4.94 5.97
CA GLN A 708 15.37 -3.55 5.57
C GLN A 708 16.13 -3.27 4.28
N LEU A 709 15.50 -2.57 3.35
CA LEU A 709 16.14 -2.23 2.09
C LEU A 709 17.23 -1.18 2.30
N PHE A 710 17.02 -0.29 3.27
CA PHE A 710 17.99 0.76 3.56
C PHE A 710 18.55 0.61 4.96
N LYS A 711 19.82 1.01 5.13
CA LYS A 711 20.52 0.88 6.40
C LYS A 711 20.07 1.92 7.43
N SER A 712 19.59 3.06 6.94
CA SER A 712 19.22 4.16 7.83
C SER A 712 17.75 4.52 7.69
N GLU A 713 17.25 5.30 8.64
CA GLU A 713 15.84 5.70 8.65
C GLU A 713 15.58 6.89 7.73
N ASN A 714 16.63 7.40 7.11
CA ASN A 714 16.51 8.56 6.24
C ASN A 714 17.46 8.45 5.05
N PRO A 715 17.21 7.48 4.15
CA PRO A 715 18.11 7.17 3.05
C PRO A 715 18.36 8.33 2.09
N SER A 716 17.35 9.16 1.88
CA SER A 716 17.49 10.27 0.93
C SER A 716 18.46 11.34 1.42
N SER A 717 18.79 11.32 2.71
CA SER A 717 19.72 12.29 3.27
C SER A 717 21.16 11.76 3.27
N HIS A 718 21.33 10.54 2.75
CA HIS A 718 22.66 9.95 2.65
C HIS A 718 23.54 10.81 1.74
N PRO A 719 24.78 11.09 2.17
CA PRO A 719 25.67 11.99 1.41
C PRO A 719 25.81 11.63 -0.06
N GLU A 720 26.19 10.38 -0.31
N GLU A 720 26.24 10.40 -0.35
CA GLU A 720 26.44 9.88 -1.66
CA GLU A 720 26.43 9.99 -1.73
C GLU A 720 25.17 9.45 -2.40
C GLU A 720 25.16 9.43 -2.37
N GLY A 721 24.01 9.90 -1.91
CA GLY A 721 22.74 9.54 -2.53
C GLY A 721 22.05 8.36 -1.86
N PHE A 722 20.76 8.23 -2.09
CA PHE A 722 19.95 7.21 -1.42
C PHE A 722 20.35 5.79 -1.80
N LEU A 723 20.85 5.61 -3.02
CA LEU A 723 21.27 4.29 -3.48
C LEU A 723 22.44 3.76 -2.67
N LYS A 724 23.18 4.66 -2.03
CA LYS A 724 24.34 4.27 -1.25
C LYS A 724 23.97 3.93 0.20
N ASP A 725 22.69 4.05 0.52
CA ASP A 725 22.20 3.67 1.84
C ASP A 725 21.58 2.28 1.79
N ILE A 726 21.72 1.61 0.65
CA ILE A 726 21.13 0.29 0.45
C ILE A 726 21.75 -0.74 1.40
N ASN A 727 20.92 -1.64 1.91
CA ASN A 727 21.37 -2.72 2.76
C ASN A 727 21.69 -3.97 1.94
N PRO A 728 22.95 -4.39 1.93
CA PRO A 728 23.38 -5.53 1.10
C PRO A 728 22.62 -6.82 1.40
N GLU A 729 22.10 -6.97 2.61
CA GLU A 729 21.42 -8.20 3.01
C GLU A 729 19.91 -8.01 3.05
N SER A 730 19.36 -7.21 2.14
CA SER A 730 17.93 -6.95 2.12
C SER A 730 17.14 -8.17 1.66
N GLU A 731 17.78 -9.05 0.89
CA GLU A 731 17.17 -10.31 0.48
C GLU A 731 18.14 -11.48 0.60
N VAL A 732 17.87 -12.37 1.53
CA VAL A 732 18.66 -13.58 1.71
C VAL A 732 17.84 -14.78 1.27
N VAL A 733 18.32 -15.51 0.27
CA VAL A 733 17.57 -16.63 -0.28
C VAL A 733 18.10 -17.97 0.23
N TYR A 734 17.20 -18.76 0.82
CA TYR A 734 17.55 -20.11 1.27
C TYR A 734 16.99 -21.14 0.31
N LYS A 735 17.81 -22.12 -0.05
CA LYS A 735 17.39 -23.18 -0.96
C LYS A 735 17.15 -24.46 -0.17
N GLU A 736 16.15 -25.23 -0.63
CA GLU A 736 15.88 -26.55 -0.05
C GLU A 736 15.71 -26.51 1.47
N SER A 737 14.78 -25.67 1.93
CA SER A 737 14.33 -25.73 3.31
C SER A 737 13.33 -26.88 3.42
N VAL A 738 12.96 -27.26 4.63
CA VAL A 738 11.98 -28.33 4.81
C VAL A 738 10.85 -27.91 5.74
N MET A 739 9.66 -28.43 5.45
CA MET A 739 8.43 -28.01 6.08
C MET A 739 7.62 -29.24 6.49
N GLU A 740 6.89 -29.14 7.59
CA GLU A 740 6.04 -30.25 8.02
C GLU A 740 4.94 -30.47 6.98
N HIS A 741 4.46 -31.71 6.88
CA HIS A 741 3.57 -32.09 5.79
C HIS A 741 2.21 -31.39 5.85
N ASN A 742 1.86 -30.86 7.01
CA ASN A 742 0.55 -30.23 7.18
C ASN A 742 0.44 -28.86 6.50
N PHE A 743 1.54 -28.39 5.92
CA PHE A 743 1.51 -27.15 5.16
C PHE A 743 0.47 -27.24 4.04
N GLY A 744 0.29 -28.45 3.51
CA GLY A 744 -0.70 -28.69 2.48
C GLY A 744 -2.10 -28.31 2.92
N ASP A 745 -2.44 -28.67 4.15
N ASP A 745 -2.44 -28.67 4.15
CA ASP A 745 -3.76 -28.34 4.70
CA ASP A 745 -3.76 -28.34 4.69
C ASP A 745 -3.88 -26.86 5.03
C ASP A 745 -3.86 -26.84 4.93
N VAL A 746 -2.76 -26.24 5.38
CA VAL A 746 -2.74 -24.81 5.64
C VAL A 746 -3.02 -24.04 4.36
N VAL A 747 -2.35 -24.43 3.27
CA VAL A 747 -2.57 -23.82 1.98
C VAL A 747 -4.03 -23.97 1.57
N LYS A 748 -4.56 -25.18 1.75
CA LYS A 748 -5.91 -25.52 1.33
C LYS A 748 -6.97 -24.72 2.09
N ASN A 749 -6.70 -24.40 3.36
CA ASN A 749 -7.68 -23.73 4.19
C ASN A 749 -7.43 -22.23 4.35
N SER A 750 -6.55 -21.69 3.53
CA SER A 750 -6.24 -20.26 3.60
C SER A 750 -7.31 -19.45 2.86
N PRO A 751 -7.58 -18.23 3.34
CA PRO A 751 -6.91 -17.61 4.47
C PRO A 751 -7.43 -18.11 5.82
N TRP A 752 -6.55 -18.15 6.81
CA TRP A 752 -6.94 -18.52 8.17
C TRP A 752 -7.39 -17.29 8.94
N VAL A 753 -8.67 -17.28 9.33
CA VAL A 753 -9.27 -16.11 9.94
C VAL A 753 -9.80 -16.42 11.34
N VAL A 754 -9.16 -15.84 12.36
CA VAL A 754 -9.63 -16.02 13.73
C VAL A 754 -10.95 -15.28 13.93
N ASP A 755 -11.72 -15.70 14.92
CA ASP A 755 -13.05 -15.13 15.16
C ASP A 755 -12.98 -13.64 15.43
N SER A 756 -11.99 -13.21 16.20
CA SER A 756 -11.86 -11.80 16.57
C SER A 756 -11.77 -10.92 15.32
N VAL A 757 -11.07 -11.40 14.30
CA VAL A 757 -10.93 -10.67 13.06
C VAL A 757 -12.22 -10.76 12.25
N LYS A 758 -12.78 -11.96 12.18
CA LYS A 758 -14.02 -12.20 11.46
C LYS A 758 -15.13 -11.25 11.92
N ASN A 759 -15.14 -10.94 13.22
CA ASN A 759 -16.18 -10.13 13.82
C ASN A 759 -15.81 -8.66 13.98
N SER A 760 -14.62 -8.30 13.53
CA SER A 760 -14.17 -6.91 13.63
C SER A 760 -14.70 -6.11 12.44
N GLU A 761 -14.62 -4.79 12.55
CA GLU A 761 -15.10 -3.91 11.49
C GLU A 761 -14.05 -3.76 10.40
N PHE A 762 -12.92 -4.45 10.54
CA PHE A 762 -11.82 -4.34 9.60
C PHE A 762 -11.49 -5.70 8.98
N TYR A 763 -12.46 -6.60 8.98
CA TYR A 763 -12.33 -7.86 8.27
C TYR A 763 -12.35 -7.62 6.77
N VAL A 764 -11.35 -8.15 6.07
CA VAL A 764 -11.32 -8.09 4.62
C VAL A 764 -11.36 -9.50 4.05
N GLU A 765 -12.40 -9.82 3.30
CA GLU A 765 -12.49 -11.11 2.65
C GLU A 765 -11.51 -11.17 1.49
N GLU A 766 -10.60 -12.13 1.54
CA GLU A 766 -9.56 -12.25 0.53
C GLU A 766 -9.85 -13.38 -0.45
N ASP A 767 -9.23 -13.29 -1.62
CA ASP A 767 -9.35 -14.32 -2.65
C ASP A 767 -8.59 -15.57 -2.23
N LYS A 768 -9.32 -16.67 -2.06
CA LYS A 768 -8.72 -17.89 -1.54
C LYS A 768 -7.74 -18.56 -2.52
N ASP A 769 -7.68 -18.04 -3.75
CA ASP A 769 -6.76 -18.57 -4.76
C ASP A 769 -5.51 -17.71 -4.91
N SER A 770 -5.43 -16.61 -4.16
CA SER A 770 -4.23 -15.77 -4.17
C SER A 770 -3.15 -16.47 -3.35
N LYS A 771 -1.92 -16.42 -3.83
N LYS A 771 -1.92 -16.41 -3.83
CA LYS A 771 -0.81 -17.09 -3.16
CA LYS A 771 -0.82 -17.09 -3.17
C LYS A 771 -0.55 -16.49 -1.79
C LYS A 771 -0.54 -16.48 -1.78
N GLU A 772 -0.61 -15.17 -1.70
CA GLU A 772 -0.23 -14.46 -0.48
C GLU A 772 -1.16 -14.69 0.72
N VAL A 773 -2.35 -15.25 0.50
CA VAL A 773 -3.25 -15.50 1.63
C VAL A 773 -2.80 -16.67 2.49
N CYS A 774 -1.83 -17.44 2.00
N CYS A 774 -1.85 -17.45 1.98
CA CYS A 774 -1.32 -18.59 2.73
CA CYS A 774 -1.30 -18.57 2.74
C CYS A 774 -0.27 -18.17 3.77
C CYS A 774 -0.25 -18.08 3.71
N ARG A 775 -0.70 -17.40 4.77
CA ARG A 775 0.20 -16.87 5.78
C ARG A 775 0.30 -17.79 6.98
N PHE A 776 1.50 -17.95 7.52
CA PHE A 776 1.69 -18.74 8.71
C PHE A 776 2.89 -18.27 9.51
N GLN A 777 2.92 -18.65 10.78
CA GLN A 777 4.09 -18.43 11.62
C GLN A 777 4.95 -19.68 11.58
N ALA A 778 6.19 -19.53 11.16
CA ALA A 778 7.17 -20.59 11.33
C ALA A 778 7.75 -20.43 12.73
N MET A 779 7.39 -21.36 13.61
N MET A 779 7.38 -21.33 13.63
CA MET A 779 7.82 -21.32 15.01
CA MET A 779 7.78 -21.23 15.03
C MET A 779 9.33 -21.07 15.09
C MET A 779 9.29 -21.12 15.16
N ARG A 780 9.72 -20.10 15.91
CA ARG A 780 11.14 -19.81 16.14
C ARG A 780 11.88 -19.35 14.87
N VAL A 781 11.15 -18.96 13.84
CA VAL A 781 11.78 -18.55 12.59
C VAL A 781 11.25 -17.21 12.08
N GLY A 782 9.93 -17.08 11.94
CA GLY A 782 9.32 -15.86 11.46
C GLY A 782 7.99 -16.10 10.79
N TYR A 783 7.45 -15.06 10.15
CA TYR A 783 6.17 -15.16 9.45
C TYR A 783 6.39 -15.23 7.95
N PHE A 784 5.72 -16.17 7.30
CA PHE A 784 5.95 -16.44 5.88
C PHE A 784 4.64 -16.56 5.12
N THR A 785 4.74 -16.43 3.79
CA THR A 785 3.64 -16.73 2.91
C THR A 785 4.17 -17.17 1.55
N LEU A 786 3.29 -17.73 0.73
CA LEU A 786 3.68 -18.14 -0.61
C LEU A 786 3.91 -16.91 -1.48
N ASP A 787 4.96 -16.94 -2.28
CA ASP A 787 5.22 -15.86 -3.23
C ASP A 787 4.37 -16.04 -4.48
N LYS A 788 4.23 -14.95 -5.22
CA LYS A 788 3.52 -14.95 -6.49
C LYS A 788 3.98 -16.08 -7.42
N GLU A 789 5.29 -16.31 -7.46
CA GLU A 789 5.87 -17.26 -8.41
C GLU A 789 5.80 -18.73 -7.93
N SER A 790 5.20 -18.96 -6.77
CA SER A 790 5.20 -20.29 -6.18
C SER A 790 4.28 -21.26 -6.91
N THR A 791 4.68 -22.53 -6.93
CA THR A 791 3.84 -23.61 -7.44
C THR A 791 4.00 -24.83 -6.54
N THR A 792 3.09 -25.79 -6.68
CA THR A 792 3.14 -27.01 -5.89
C THR A 792 4.46 -27.75 -6.14
N SER A 793 4.96 -27.68 -7.36
CA SER A 793 6.18 -28.37 -7.74
C SER A 793 7.41 -27.65 -7.22
N LYS A 794 7.40 -26.32 -7.27
CA LYS A 794 8.51 -25.50 -6.79
C LYS A 794 8.00 -24.43 -5.84
N VAL A 795 7.93 -24.78 -4.56
CA VAL A 795 7.40 -23.89 -3.54
C VAL A 795 8.35 -22.74 -3.27
N ILE A 796 7.82 -21.53 -3.32
CA ILE A 796 8.60 -20.33 -3.02
C ILE A 796 7.93 -19.52 -1.93
N LEU A 797 8.65 -19.30 -0.84
CA LEU A 797 8.12 -18.54 0.30
C LEU A 797 8.76 -17.17 0.41
N ASN A 798 7.98 -16.20 0.89
CA ASN A 798 8.49 -14.91 1.31
C ASN A 798 8.35 -14.79 2.81
N ARG A 799 9.36 -14.25 3.49
CA ARG A 799 9.18 -13.91 4.89
C ARG A 799 8.49 -12.55 4.96
N ILE A 800 7.33 -12.53 5.60
CA ILE A 800 6.56 -11.30 5.72
C ILE A 800 7.29 -10.37 6.68
N VAL A 801 7.53 -10.85 7.90
CA VAL A 801 8.31 -10.13 8.89
C VAL A 801 8.98 -11.11 9.83
N SER A 802 10.04 -10.66 10.51
CA SER A 802 10.71 -11.47 11.51
C SER A 802 9.77 -11.70 12.69
N LEU A 803 10.14 -12.65 13.55
CA LEU A 803 9.30 -13.00 14.70
C LEU A 803 9.14 -11.85 15.67
N LYS A 804 10.23 -11.13 15.91
CA LYS A 804 10.25 -10.14 16.99
C LYS A 804 10.80 -8.80 16.53
N ASP A 805 10.47 -7.76 17.28
CA ASP A 805 11.11 -6.46 17.12
C ASP A 805 12.62 -6.63 17.23
N ALA A 806 13.36 -5.69 16.68
CA ALA A 806 14.81 -5.75 16.65
C ALA A 806 15.42 -5.79 18.05
N THR A 807 16.53 -6.50 18.18
CA THR A 807 17.35 -6.43 19.38
C THR A 807 18.69 -5.81 18.99
N SER A 808 19.53 -5.54 19.98
CA SER A 808 20.88 -5.07 19.71
C SER A 808 21.67 -6.14 18.97
N LYS A 809 21.19 -7.38 19.06
CA LYS A 809 21.84 -8.52 18.42
C LYS A 809 23.18 -8.82 19.09
#